data_3OKZ
#
_entry.id   3OKZ
#
_cell.length_a   99.049
_cell.length_b   41.392
_cell.length_c   161.506
_cell.angle_alpha   90.00
_cell.angle_beta   103.44
_cell.angle_gamma   90.00
#
_symmetry.space_group_name_H-M   'C 1 2 1'
#
loop_
_entity.id
_entity.type
_entity.pdbx_description
1 polymer 'Putative uncharacterized protein gbs0355'
2 water water
#
_entity_poly.entity_id   1
_entity_poly.type   'polypeptide(L)'
_entity_poly.pdbx_seq_one_letter_code
;(MSE)KDFKLAKSKSHAIEETKPFSILL(MSE)GVDTGSEHRKSKWSGNSDS(MSE)ILVTINPKTNKTT(MSE)TSLER
DVLIKLSGPKNNGQTGVEAKLNAAYASGGAE(MSE)AL(MSE)TVQDLLDINVDYF(MSE)QIN(MSE)QGLVDLVNAVG
GITVTNKFDFPISIAANEPEYKAVVEPGTHKINGEQALVYSR(MSE)RYDDPEGDYGRQKRQREVIQKVLKKILALNSIS
SYKKILSAVSNN(MSE)QTNIEISSKTIPNLLAYKDSLEHIKSYQLKGEDATLSDGGSYQILTKKHLLAVQNRIKKELDK
KRSKTLKTSAILYEDYYGLEHHHHHH
;
_entity_poly.pdbx_strand_id   A,B
#
# COMPACT_ATOMS: atom_id res chain seq x y z
N LYS A 8 18.23 -11.78 -32.86
CA LYS A 8 18.54 -12.18 -31.47
C LYS A 8 17.52 -13.19 -30.94
N SER A 9 16.69 -13.72 -31.84
CA SER A 9 15.68 -14.67 -31.41
C SER A 9 16.01 -16.10 -31.75
N LYS A 10 16.68 -16.78 -30.83
CA LYS A 10 17.04 -18.18 -31.04
C LYS A 10 15.80 -19.06 -31.00
N SER A 11 14.67 -18.50 -31.46
CA SER A 11 13.40 -19.21 -31.52
C SER A 11 12.93 -19.19 -32.97
N HIS A 12 12.26 -20.24 -33.39
CA HIS A 12 11.78 -20.32 -34.77
C HIS A 12 10.28 -20.49 -34.83
N ALA A 13 9.61 -20.29 -33.71
CA ALA A 13 8.17 -20.44 -33.60
C ALA A 13 7.36 -19.81 -34.74
N ILE A 14 7.80 -18.66 -35.21
CA ILE A 14 7.08 -18.00 -36.28
C ILE A 14 7.40 -18.59 -37.64
N GLU A 15 8.64 -19.06 -37.80
CA GLU A 15 9.06 -19.66 -39.06
C GLU A 15 8.45 -21.04 -39.21
N GLU A 16 7.80 -21.51 -38.14
CA GLU A 16 7.18 -22.82 -38.14
C GLU A 16 5.71 -22.73 -37.73
N THR A 17 5.17 -21.52 -37.78
CA THR A 17 3.78 -21.26 -37.42
C THR A 17 3.37 -21.99 -36.13
N LYS A 18 4.26 -21.95 -35.14
CA LYS A 18 4.03 -22.56 -33.84
C LYS A 18 3.61 -21.49 -32.83
N PRO A 19 2.72 -21.82 -31.88
CA PRO A 19 2.25 -20.87 -30.87
C PRO A 19 3.44 -20.20 -30.19
N PHE A 20 3.33 -18.92 -29.84
CA PHE A 20 4.47 -18.30 -29.22
C PHE A 20 4.13 -17.25 -28.17
N SER A 21 5.16 -16.85 -27.43
CA SER A 21 5.03 -15.85 -26.39
C SER A 21 5.95 -14.69 -26.68
N ILE A 22 5.41 -13.49 -26.52
CA ILE A 22 6.19 -12.29 -26.74
C ILE A 22 5.96 -11.37 -25.55
N LEU A 23 7.05 -10.83 -25.04
CA LEU A 23 6.98 -9.91 -23.92
C LEU A 23 6.82 -8.55 -24.56
N LEU A 24 5.64 -7.97 -24.40
CA LEU A 24 5.35 -6.66 -24.95
C LEU A 24 5.61 -5.61 -23.87
N MSE A 25 6.44 -4.62 -24.19
CA MSE A 25 6.74 -3.57 -23.22
C MSE A 25 6.69 -2.14 -23.75
O MSE A 25 7.14 -1.83 -24.86
CB MSE A 25 8.12 -3.76 -22.63
CG MSE A 25 8.37 -5.09 -22.01
SE MSE A 25 10.21 -5.12 -21.45
CE MSE A 25 9.97 -4.69 -19.61
N GLY A 26 6.15 -1.27 -22.90
CA GLY A 26 6.03 0.14 -23.19
C GLY A 26 7.13 0.80 -22.38
N VAL A 27 8.07 1.41 -23.08
CA VAL A 27 9.16 2.04 -22.36
C VAL A 27 9.12 3.55 -22.40
N ASP A 28 9.37 4.15 -21.25
CA ASP A 28 9.44 5.60 -21.14
C ASP A 28 10.94 5.94 -21.16
N THR A 29 11.42 6.29 -22.35
CA THR A 29 12.83 6.60 -22.53
C THR A 29 13.21 8.03 -22.18
N GLY A 30 12.22 8.84 -21.82
CA GLY A 30 12.51 10.21 -21.42
C GLY A 30 12.58 11.33 -22.45
N SER A 31 13.29 12.39 -22.08
CA SER A 31 13.45 13.57 -22.93
C SER A 31 14.65 13.54 -23.87
N GLU A 32 15.81 13.12 -23.36
CA GLU A 32 17.00 13.05 -24.20
C GLU A 32 17.46 11.61 -24.37
N HIS A 33 17.67 11.21 -25.62
CA HIS A 33 18.09 9.86 -25.93
C HIS A 33 19.47 9.82 -26.56
N ARG A 34 20.45 10.32 -25.82
CA ARG A 34 21.82 10.35 -26.31
C ARG A 34 22.61 9.15 -25.84
N LYS A 35 23.07 9.17 -24.59
CA LYS A 35 23.84 8.05 -24.04
C LYS A 35 23.16 6.75 -24.46
N SER A 36 21.92 6.58 -24.00
CA SER A 36 21.15 5.40 -24.34
C SER A 36 19.88 5.87 -25.01
N LYS A 37 19.36 5.09 -25.95
CA LYS A 37 18.14 5.45 -26.64
C LYS A 37 17.03 4.56 -26.12
N TRP A 38 17.38 3.31 -25.78
CA TRP A 38 16.42 2.35 -25.26
C TRP A 38 16.62 2.02 -23.78
N SER A 39 16.87 3.04 -22.98
CA SER A 39 17.07 2.86 -21.54
C SER A 39 16.01 3.69 -20.85
N GLY A 40 15.50 3.18 -19.74
CA GLY A 40 14.47 3.90 -19.03
C GLY A 40 13.73 3.08 -18.00
N ASN A 41 12.39 3.17 -18.03
CA ASN A 41 11.56 2.45 -17.08
C ASN A 41 10.45 1.66 -17.74
N SER A 42 10.19 0.46 -17.23
CA SER A 42 9.14 -0.40 -17.76
C SER A 42 7.83 0.27 -17.38
N ASP A 43 7.28 1.00 -18.34
CA ASP A 43 6.03 1.71 -18.13
C ASP A 43 4.89 0.73 -18.18
N SER A 44 5.17 -0.44 -18.77
CA SER A 44 4.18 -1.49 -18.90
C SER A 44 4.82 -2.80 -19.31
N MSE A 45 4.27 -3.89 -18.81
CA MSE A 45 4.78 -5.19 -19.16
C MSE A 45 3.65 -6.15 -19.34
O MSE A 45 2.87 -6.36 -18.42
CB MSE A 45 5.74 -5.68 -18.10
CG MSE A 45 7.17 -5.30 -18.40
SE MSE A 45 8.36 -6.13 -17.19
CE MSE A 45 8.06 -4.97 -15.68
N ILE A 46 3.55 -6.73 -20.52
CA ILE A 46 2.49 -7.68 -20.80
C ILE A 46 3.06 -8.89 -21.51
N LEU A 47 2.78 -10.07 -20.98
CA LEU A 47 3.23 -11.31 -21.58
C LEU A 47 2.10 -11.72 -22.51
N VAL A 48 2.40 -11.81 -23.80
CA VAL A 48 1.38 -12.16 -24.79
C VAL A 48 1.55 -13.56 -25.36
N THR A 49 0.45 -14.28 -25.48
CA THR A 49 0.45 -15.62 -26.06
C THR A 49 -0.38 -15.55 -27.33
N ILE A 50 0.08 -16.27 -28.36
CA ILE A 50 -0.62 -16.34 -29.65
C ILE A 50 -0.52 -17.79 -30.11
N ASN A 51 -1.66 -18.44 -30.33
CA ASN A 51 -1.67 -19.82 -30.77
C ASN A 51 -2.43 -19.91 -32.09
N PRO A 52 -1.69 -19.99 -33.20
CA PRO A 52 -2.29 -20.08 -34.54
C PRO A 52 -3.23 -21.26 -34.68
N LYS A 53 -2.91 -22.32 -33.94
CA LYS A 53 -3.67 -23.55 -33.94
C LYS A 53 -5.06 -23.38 -33.31
N THR A 54 -5.09 -23.19 -31.99
CA THR A 54 -6.35 -23.02 -31.25
C THR A 54 -7.03 -21.72 -31.62
N ASN A 55 -6.33 -20.91 -32.43
CA ASN A 55 -6.86 -19.63 -32.90
C ASN A 55 -7.27 -18.72 -31.74
N LYS A 56 -6.33 -18.41 -30.85
CA LYS A 56 -6.63 -17.58 -29.71
C LYS A 56 -5.43 -16.79 -29.20
N THR A 57 -5.71 -15.74 -28.44
CA THR A 57 -4.67 -14.90 -27.88
C THR A 57 -5.00 -14.48 -26.45
N THR A 58 -3.97 -14.42 -25.61
CA THR A 58 -4.17 -14.01 -24.22
C THR A 58 -3.13 -12.97 -23.85
N MSE A 59 -3.53 -12.03 -23.00
CA MSE A 59 -2.63 -10.99 -22.54
C MSE A 59 -2.62 -10.92 -21.03
O MSE A 59 -3.66 -10.71 -20.40
CB MSE A 59 -3.07 -9.63 -23.05
CG MSE A 59 -3.11 -9.50 -24.54
SE MSE A 59 -3.48 -7.69 -24.92
CE MSE A 59 -1.65 -7.10 -25.10
N THR A 60 -1.45 -11.09 -20.47
CA THR A 60 -1.32 -11.02 -19.03
C THR A 60 -0.42 -9.85 -18.60
N SER A 61 -1.04 -8.86 -17.96
CA SER A 61 -0.34 -7.68 -17.47
C SER A 61 0.43 -8.09 -16.22
N LEU A 62 1.64 -7.56 -16.06
CA LEU A 62 2.47 -7.93 -14.91
C LEU A 62 2.70 -6.73 -14.00
N GLU A 63 2.08 -6.78 -12.82
CA GLU A 63 2.16 -5.72 -11.82
C GLU A 63 3.59 -5.29 -11.50
N ARG A 64 3.90 -4.04 -11.84
CA ARG A 64 5.23 -3.47 -11.63
C ARG A 64 5.73 -3.50 -10.18
N ASP A 65 4.80 -3.57 -9.23
CA ASP A 65 5.14 -3.56 -7.81
C ASP A 65 5.35 -4.97 -7.21
N VAL A 66 5.27 -5.99 -8.04
CA VAL A 66 5.48 -7.36 -7.60
C VAL A 66 6.88 -7.56 -7.01
N LEU A 67 6.96 -8.17 -5.83
CA LEU A 67 8.25 -8.39 -5.17
C LEU A 67 8.96 -9.57 -5.81
N ILE A 68 10.13 -9.33 -6.39
CA ILE A 68 10.86 -10.40 -7.05
C ILE A 68 12.38 -10.32 -6.86
N LYS A 69 13.05 -11.46 -6.98
CA LYS A 69 14.51 -11.51 -6.86
C LYS A 69 15.05 -11.33 -8.27
N LEU A 70 15.38 -10.09 -8.63
CA LEU A 70 15.86 -9.79 -9.96
C LEU A 70 16.83 -10.82 -10.53
N SER A 71 16.59 -11.20 -11.78
CA SER A 71 17.46 -12.13 -12.47
C SER A 71 18.15 -11.27 -13.51
N GLY A 72 19.43 -11.54 -13.79
CA GLY A 72 20.14 -10.74 -14.78
C GLY A 72 21.56 -11.18 -15.04
N PRO A 73 22.33 -10.38 -15.80
CA PRO A 73 23.72 -10.70 -16.12
C PRO A 73 24.68 -10.37 -14.98
N LYS A 74 25.57 -11.31 -14.68
CA LYS A 74 26.52 -11.16 -13.60
C LYS A 74 27.19 -9.78 -13.56
N ASN A 75 27.35 -9.18 -14.73
CA ASN A 75 27.98 -7.88 -14.81
C ASN A 75 27.03 -6.74 -14.37
N ASN A 76 25.95 -7.09 -13.67
CA ASN A 76 24.99 -6.07 -13.21
C ASN A 76 24.88 -5.97 -11.68
N GLY A 77 25.09 -4.76 -11.18
CA GLY A 77 25.03 -4.55 -9.74
C GLY A 77 23.72 -4.93 -9.07
N GLN A 78 22.65 -5.02 -9.84
CA GLN A 78 21.36 -5.36 -9.26
C GLN A 78 20.85 -6.80 -9.43
N THR A 79 21.65 -7.67 -10.03
CA THR A 79 21.22 -9.05 -10.21
C THR A 79 21.09 -9.72 -8.84
N GLY A 80 20.21 -10.71 -8.74
CA GLY A 80 20.00 -11.42 -7.48
C GLY A 80 19.70 -10.53 -6.29
N VAL A 81 18.94 -9.45 -6.53
CA VAL A 81 18.57 -8.50 -5.48
C VAL A 81 17.05 -8.36 -5.42
N GLU A 82 16.49 -8.39 -4.21
CA GLU A 82 15.05 -8.26 -4.05
C GLU A 82 14.61 -6.81 -4.29
N ALA A 83 13.73 -6.62 -5.25
CA ALA A 83 13.23 -5.30 -5.61
C ALA A 83 11.86 -5.46 -6.25
N LYS A 84 11.31 -4.36 -6.76
CA LYS A 84 10.03 -4.43 -7.43
C LYS A 84 10.35 -4.93 -8.84
N LEU A 85 9.43 -5.64 -9.46
CA LEU A 85 9.61 -6.17 -10.82
C LEU A 85 9.92 -5.03 -11.79
N ASN A 86 9.48 -3.85 -11.41
CA ASN A 86 9.68 -2.66 -12.21
C ASN A 86 11.17 -2.34 -12.41
N ALA A 87 11.98 -2.71 -11.43
CA ALA A 87 13.42 -2.43 -11.46
C ALA A 87 14.30 -3.24 -12.41
N ALA A 88 13.77 -4.33 -12.99
CA ALA A 88 14.57 -5.13 -13.92
C ALA A 88 15.04 -4.26 -15.08
N TYR A 89 14.10 -3.75 -15.86
CA TYR A 89 14.43 -2.89 -16.99
C TYR A 89 15.18 -1.65 -16.50
N ALA A 90 14.66 -1.04 -15.44
CA ALA A 90 15.28 0.15 -14.86
C ALA A 90 16.80 0.05 -14.65
N SER A 91 17.27 -1.11 -14.21
CA SER A 91 18.69 -1.26 -13.99
C SER A 91 19.35 -2.35 -14.85
N GLY A 92 18.74 -2.69 -15.97
CA GLY A 92 19.30 -3.73 -16.83
C GLY A 92 18.58 -3.76 -18.16
N GLY A 93 17.61 -2.87 -18.30
CA GLY A 93 16.85 -2.79 -19.53
C GLY A 93 16.25 -4.09 -20.03
N ALA A 94 15.83 -4.06 -21.29
CA ALA A 94 15.22 -5.19 -21.97
C ALA A 94 15.68 -6.57 -21.50
N GLU A 95 16.98 -6.82 -21.61
CA GLU A 95 17.56 -8.11 -21.21
C GLU A 95 17.21 -8.59 -19.81
N MSE A 96 17.35 -7.70 -18.83
CA MSE A 96 17.07 -8.05 -17.44
C MSE A 96 15.57 -8.19 -17.22
O MSE A 96 15.13 -9.04 -16.45
CB MSE A 96 17.66 -6.98 -16.50
CG MSE A 96 17.59 -7.34 -15.01
SE MSE A 96 18.82 -6.25 -13.95
CE MSE A 96 20.25 -7.54 -13.74
N ALA A 97 14.80 -7.38 -17.91
CA ALA A 97 13.36 -7.46 -17.80
C ALA A 97 12.97 -8.83 -18.33
N LEU A 98 13.50 -9.17 -19.50
CA LEU A 98 13.19 -10.46 -20.08
C LEU A 98 13.60 -11.58 -19.13
N MSE A 99 14.87 -11.59 -18.73
CA MSE A 99 15.35 -12.62 -17.84
C MSE A 99 14.55 -12.74 -16.55
O MSE A 99 14.20 -13.84 -16.11
CB MSE A 99 16.82 -12.39 -17.53
CG MSE A 99 17.70 -12.47 -18.78
SE MSE A 99 19.59 -12.40 -18.44
CE MSE A 99 19.97 -14.29 -18.54
N THR A 100 14.26 -11.58 -15.95
CA THR A 100 13.48 -11.51 -14.72
C THR A 100 12.09 -12.06 -14.96
N VAL A 101 11.53 -11.76 -16.13
CA VAL A 101 10.19 -12.24 -16.45
C VAL A 101 10.17 -13.73 -16.73
N GLN A 102 11.22 -14.23 -17.38
CA GLN A 102 11.27 -15.65 -17.68
C GLN A 102 11.33 -16.41 -16.36
N ASP A 103 12.11 -15.91 -15.41
CA ASP A 103 12.23 -16.58 -14.11
C ASP A 103 10.99 -16.44 -13.26
N LEU A 104 10.24 -15.35 -13.48
CA LEU A 104 9.01 -15.10 -12.75
C LEU A 104 7.95 -16.14 -13.11
N LEU A 105 7.74 -16.33 -14.40
CA LEU A 105 6.74 -17.28 -14.88
C LEU A 105 7.22 -18.71 -15.09
N ASP A 106 8.53 -18.94 -15.04
CA ASP A 106 9.07 -20.27 -15.25
C ASP A 106 8.76 -20.72 -16.68
N ILE A 107 9.27 -19.97 -17.64
CA ILE A 107 9.05 -20.24 -19.05
C ILE A 107 10.01 -19.42 -19.90
N ASN A 108 10.27 -19.92 -21.11
CA ASN A 108 11.14 -19.20 -22.02
C ASN A 108 10.23 -18.37 -22.92
N VAL A 109 10.49 -17.08 -22.93
CA VAL A 109 9.69 -16.14 -23.71
C VAL A 109 10.20 -15.98 -25.15
N ASP A 110 9.56 -16.68 -26.08
CA ASP A 110 9.92 -16.65 -27.49
C ASP A 110 10.48 -15.32 -28.02
N TYR A 111 9.65 -14.29 -27.99
CA TYR A 111 10.09 -12.99 -28.50
C TYR A 111 10.00 -11.87 -27.49
N PHE A 112 10.17 -10.65 -27.97
CA PHE A 112 10.15 -9.49 -27.10
C PHE A 112 9.99 -8.24 -27.94
N MSE A 113 9.12 -7.34 -27.48
CA MSE A 113 8.92 -6.11 -28.21
C MSE A 113 8.81 -4.94 -27.25
O MSE A 113 8.14 -5.00 -26.21
CB MSE A 113 7.66 -6.20 -29.06
CG MSE A 113 7.35 -4.93 -29.82
SE MSE A 113 5.77 -5.06 -30.90
CE MSE A 113 6.58 -5.59 -32.57
N GLN A 114 9.50 -3.86 -27.60
CA GLN A 114 9.45 -2.66 -26.78
C GLN A 114 9.16 -1.46 -27.65
N ILE A 115 8.29 -0.59 -27.14
CA ILE A 115 7.89 0.64 -27.83
C ILE A 115 7.89 1.80 -26.84
N ASN A 116 8.48 2.92 -27.22
CA ASN A 116 8.51 4.07 -26.32
C ASN A 116 7.21 4.83 -26.41
N MSE A 117 7.07 5.86 -25.59
CA MSE A 117 5.84 6.63 -25.56
C MSE A 117 5.45 7.28 -26.87
O MSE A 117 4.26 7.39 -27.17
CB MSE A 117 5.90 7.65 -24.43
CG MSE A 117 6.17 7.02 -23.06
SE MSE A 117 4.88 5.65 -22.55
CE MSE A 117 5.92 4.06 -22.92
N GLN A 118 6.42 7.70 -27.66
CA GLN A 118 6.11 8.33 -28.93
C GLN A 118 5.48 7.26 -29.80
N GLY A 119 6.10 6.07 -29.76
CA GLY A 119 5.61 4.95 -30.53
C GLY A 119 4.15 4.67 -30.25
N LEU A 120 3.77 4.65 -28.98
CA LEU A 120 2.37 4.40 -28.65
C LEU A 120 1.56 5.51 -29.27
N VAL A 121 1.91 6.75 -28.94
CA VAL A 121 1.22 7.92 -29.45
C VAL A 121 1.08 7.86 -30.97
N ASP A 122 2.19 7.65 -31.67
CA ASP A 122 2.15 7.55 -33.13
C ASP A 122 1.26 6.39 -33.59
N LEU A 123 1.43 5.24 -32.94
CA LEU A 123 0.68 4.05 -33.28
C LEU A 123 -0.82 4.28 -33.25
N VAL A 124 -1.31 4.87 -32.17
CA VAL A 124 -2.72 5.17 -32.07
C VAL A 124 -3.12 6.07 -33.23
N ASN A 125 -2.39 7.18 -33.41
CA ASN A 125 -2.72 8.11 -34.48
C ASN A 125 -2.65 7.48 -35.87
N ALA A 126 -1.74 6.53 -36.05
CA ALA A 126 -1.60 5.88 -37.35
C ALA A 126 -2.85 5.12 -37.78
N VAL A 127 -3.63 4.62 -36.83
CA VAL A 127 -4.85 3.89 -37.20
C VAL A 127 -6.03 4.84 -37.08
N GLY A 128 -5.77 6.13 -37.25
CA GLY A 128 -6.84 7.10 -37.17
C GLY A 128 -7.47 7.22 -35.80
N GLY A 129 -6.66 7.11 -34.76
CA GLY A 129 -7.15 7.23 -33.40
C GLY A 129 -8.10 6.14 -32.95
N ILE A 130 -8.42 6.13 -31.65
CA ILE A 130 -9.34 5.14 -31.10
C ILE A 130 -10.39 5.80 -30.22
N THR A 131 -11.44 5.02 -29.94
CA THR A 131 -12.58 5.43 -29.13
C THR A 131 -12.61 4.76 -27.77
N VAL A 132 -12.56 5.55 -26.70
CA VAL A 132 -12.63 5.03 -25.33
C VAL A 132 -13.67 5.78 -24.51
N THR A 133 -14.16 5.14 -23.46
CA THR A 133 -15.17 5.72 -22.57
C THR A 133 -14.62 6.03 -21.18
N ASN A 134 -14.71 7.29 -20.77
CA ASN A 134 -14.21 7.71 -19.45
C ASN A 134 -15.34 7.56 -18.44
N LYS A 135 -15.34 6.43 -17.74
CA LYS A 135 -16.38 6.15 -16.77
C LYS A 135 -16.45 7.13 -15.62
N PHE A 136 -15.44 7.99 -15.49
CA PHE A 136 -15.42 8.97 -14.41
C PHE A 136 -16.23 10.24 -14.66
N ASP A 137 -16.25 11.10 -13.66
CA ASP A 137 -16.97 12.36 -13.74
C ASP A 137 -16.01 13.47 -14.10
N PHE A 138 -14.75 13.30 -13.74
CA PHE A 138 -13.71 14.28 -14.02
C PHE A 138 -12.94 13.89 -15.27
N PRO A 139 -12.02 14.74 -15.73
CA PRO A 139 -11.25 14.42 -16.93
C PRO A 139 -10.07 13.52 -16.56
N ILE A 140 -9.86 12.46 -17.33
CA ILE A 140 -8.74 11.58 -17.07
C ILE A 140 -7.53 12.40 -17.43
N SER A 141 -6.60 12.56 -16.49
CA SER A 141 -5.42 13.36 -16.77
C SER A 141 -4.27 13.12 -15.80
N ILE A 142 -3.09 13.56 -16.19
CA ILE A 142 -1.90 13.40 -15.38
C ILE A 142 -1.08 14.70 -15.37
N ALA A 143 -1.75 15.80 -15.67
CA ALA A 143 -1.10 17.10 -15.69
C ALA A 143 -0.59 17.44 -14.30
N ALA A 144 -1.36 17.01 -13.30
CA ALA A 144 -1.01 17.25 -11.92
C ALA A 144 0.42 16.84 -11.60
N ASN A 145 0.74 15.57 -11.83
CA ASN A 145 2.07 15.05 -11.54
C ASN A 145 3.05 15.14 -12.70
N GLU A 146 2.54 15.51 -13.87
CA GLU A 146 3.35 15.64 -15.07
C GLU A 146 2.79 16.76 -15.92
N PRO A 147 2.92 18.02 -15.45
CA PRO A 147 2.40 19.19 -16.18
C PRO A 147 2.70 19.22 -17.67
N GLU A 148 3.62 18.36 -18.11
CA GLU A 148 4.00 18.28 -19.52
C GLU A 148 2.83 17.68 -20.31
N TYR A 149 2.28 16.59 -19.78
CA TYR A 149 1.16 15.93 -20.43
C TYR A 149 -0.13 16.62 -20.04
N LYS A 150 -0.44 17.71 -20.74
CA LYS A 150 -1.64 18.48 -20.46
C LYS A 150 -2.92 17.95 -21.10
N ALA A 151 -2.79 16.91 -21.93
CA ALA A 151 -3.98 16.34 -22.58
C ALA A 151 -4.83 15.58 -21.59
N VAL A 152 -6.11 15.42 -21.93
CA VAL A 152 -7.05 14.75 -21.05
C VAL A 152 -8.17 14.08 -21.84
N VAL A 153 -8.96 13.26 -21.17
CA VAL A 153 -10.09 12.60 -21.80
C VAL A 153 -11.37 12.97 -21.02
N GLU A 154 -12.18 13.83 -21.61
CA GLU A 154 -13.42 14.27 -20.97
C GLU A 154 -14.32 13.10 -20.66
N PRO A 155 -15.22 13.24 -19.66
CA PRO A 155 -16.13 12.13 -19.32
C PRO A 155 -16.95 11.73 -20.51
N GLY A 156 -17.28 10.44 -20.60
CA GLY A 156 -18.07 9.95 -21.70
C GLY A 156 -17.27 9.16 -22.73
N THR A 157 -17.80 9.06 -23.94
CA THR A 157 -17.12 8.35 -25.00
C THR A 157 -16.58 9.36 -26.00
N HIS A 158 -15.40 9.07 -26.54
CA HIS A 158 -14.77 9.96 -27.52
C HIS A 158 -13.70 9.23 -28.29
N LYS A 159 -13.44 9.71 -29.50
CA LYS A 159 -12.38 9.16 -30.32
C LYS A 159 -11.20 10.02 -29.90
N ILE A 160 -10.22 9.42 -29.24
CA ILE A 160 -9.09 10.21 -28.82
C ILE A 160 -7.89 9.99 -29.74
N ASN A 161 -6.84 10.80 -29.56
CA ASN A 161 -5.63 10.68 -30.36
C ASN A 161 -4.52 10.00 -29.55
N GLY A 162 -3.34 9.91 -30.15
CA GLY A 162 -2.20 9.31 -29.50
C GLY A 162 -1.90 9.96 -28.16
N GLU A 163 -1.71 11.27 -28.17
CA GLU A 163 -1.41 12.04 -26.95
C GLU A 163 -2.41 11.74 -25.83
N GLN A 164 -3.70 11.80 -26.17
CA GLN A 164 -4.76 11.51 -25.21
C GLN A 164 -4.65 10.07 -24.77
N ALA A 165 -4.53 9.18 -25.74
CA ALA A 165 -4.41 7.76 -25.48
C ALA A 165 -3.32 7.48 -24.44
N LEU A 166 -2.19 8.20 -24.56
CA LEU A 166 -1.10 8.02 -23.62
C LEU A 166 -1.61 8.37 -22.21
N VAL A 167 -2.25 9.54 -22.08
CA VAL A 167 -2.79 9.99 -20.80
C VAL A 167 -3.80 8.99 -20.25
N TYR A 168 -4.62 8.42 -21.12
CA TYR A 168 -5.62 7.45 -20.73
C TYR A 168 -5.03 6.16 -20.17
N SER A 169 -3.83 5.80 -20.61
CA SER A 169 -3.22 4.57 -20.11
C SER A 169 -2.19 4.78 -19.01
N ARG A 170 -2.01 6.03 -18.57
CA ARG A 170 -1.07 6.29 -17.50
C ARG A 170 -1.80 6.66 -16.20
N MSE A 171 -2.97 7.28 -16.35
CA MSE A 171 -3.77 7.71 -15.20
C MSE A 171 -3.79 6.61 -14.14
O MSE A 171 -3.97 5.43 -14.44
CB MSE A 171 -5.19 8.05 -15.64
CG MSE A 171 -5.97 8.85 -14.61
SE MSE A 171 -6.52 7.89 -12.97
CE MSE A 171 -8.32 7.42 -13.50
N ARG A 172 -3.61 7.01 -12.89
CA ARG A 172 -3.56 6.07 -11.81
C ARG A 172 -4.14 6.57 -10.49
N TYR A 173 -3.65 7.71 -10.03
CA TYR A 173 -4.03 8.28 -8.75
C TYR A 173 -5.47 8.71 -8.54
N ASP A 174 -6.21 8.90 -9.60
CA ASP A 174 -7.60 9.26 -9.42
C ASP A 174 -8.44 8.02 -9.57
N ASP A 175 -7.77 6.89 -9.78
CA ASP A 175 -8.46 5.62 -9.95
C ASP A 175 -8.29 4.78 -8.68
N PRO A 176 -9.41 4.55 -7.98
CA PRO A 176 -9.41 3.75 -6.75
C PRO A 176 -8.68 2.42 -6.96
N GLU A 177 -8.73 1.89 -8.18
CA GLU A 177 -8.07 0.61 -8.49
C GLU A 177 -6.58 0.77 -8.75
N GLY A 178 -6.07 1.99 -8.59
CA GLY A 178 -4.66 2.23 -8.80
C GLY A 178 -4.07 1.53 -10.00
N ASP A 179 -2.89 0.95 -9.84
CA ASP A 179 -2.19 0.29 -10.93
C ASP A 179 -2.94 -0.83 -11.62
N TYR A 180 -4.04 -1.30 -11.03
CA TYR A 180 -4.81 -2.37 -11.67
C TYR A 180 -5.83 -1.76 -12.61
N GLY A 181 -6.33 -0.58 -12.21
CA GLY A 181 -7.27 0.14 -13.05
C GLY A 181 -6.43 0.57 -14.24
N ARG A 182 -5.33 1.24 -13.92
CA ARG A 182 -4.38 1.72 -14.91
C ARG A 182 -4.02 0.65 -15.94
N GLN A 183 -3.91 -0.59 -15.50
CA GLN A 183 -3.57 -1.66 -16.42
C GLN A 183 -4.71 -2.13 -17.31
N LYS A 184 -5.93 -2.14 -16.79
CA LYS A 184 -7.07 -2.55 -17.60
C LYS A 184 -7.05 -1.59 -18.78
N ARG A 185 -6.94 -0.30 -18.47
CA ARG A 185 -6.90 0.70 -19.51
C ARG A 185 -5.73 0.49 -20.46
N GLN A 186 -4.59 0.09 -19.92
CA GLN A 186 -3.41 -0.16 -20.76
C GLN A 186 -3.71 -1.26 -21.78
N ARG A 187 -4.37 -2.33 -21.33
CA ARG A 187 -4.72 -3.45 -22.18
C ARG A 187 -5.71 -3.01 -23.24
N GLU A 188 -6.65 -2.17 -22.83
CA GLU A 188 -7.66 -1.65 -23.73
C GLU A 188 -7.03 -0.96 -24.92
N VAL A 189 -6.17 0.02 -24.66
CA VAL A 189 -5.54 0.75 -25.74
C VAL A 189 -4.81 -0.22 -26.69
N ILE A 190 -4.12 -1.21 -26.14
CA ILE A 190 -3.41 -2.16 -26.97
C ILE A 190 -4.38 -2.95 -27.84
N GLN A 191 -5.38 -3.55 -27.21
CA GLN A 191 -6.38 -4.33 -27.94
C GLN A 191 -7.07 -3.56 -29.03
N LYS A 192 -7.45 -2.32 -28.74
CA LYS A 192 -8.16 -1.49 -29.71
C LYS A 192 -7.31 -1.10 -30.92
N VAL A 193 -6.05 -0.76 -30.67
CA VAL A 193 -5.13 -0.39 -31.75
C VAL A 193 -4.89 -1.59 -32.65
N LEU A 194 -5.01 -2.79 -32.10
CA LEU A 194 -4.84 -3.97 -32.92
C LEU A 194 -6.10 -4.17 -33.77
N LYS A 195 -7.26 -4.09 -33.11
CA LYS A 195 -8.54 -4.25 -33.79
C LYS A 195 -8.56 -3.32 -34.99
N LYS A 196 -8.12 -2.09 -34.77
CA LYS A 196 -8.07 -1.06 -35.79
C LYS A 196 -7.10 -1.50 -36.90
N ILE A 197 -5.87 -1.82 -36.53
CA ILE A 197 -4.90 -2.27 -37.53
C ILE A 197 -5.51 -3.38 -38.37
N LEU A 198 -5.76 -4.54 -37.74
CA LEU A 198 -6.33 -5.69 -38.43
C LEU A 198 -7.54 -5.39 -39.35
N ALA A 199 -8.39 -4.44 -38.95
CA ALA A 199 -9.55 -4.08 -39.75
C ALA A 199 -9.09 -3.52 -41.10
N LEU A 200 -7.97 -2.79 -41.10
CA LEU A 200 -7.44 -2.26 -42.34
C LEU A 200 -7.35 -3.44 -43.30
N ASN A 201 -6.98 -4.58 -42.74
CA ASN A 201 -6.84 -5.80 -43.49
C ASN A 201 -6.15 -5.49 -44.80
N SER A 202 -4.92 -5.00 -44.70
CA SER A 202 -4.15 -4.65 -45.87
C SER A 202 -2.71 -4.83 -45.46
N ILE A 203 -1.96 -5.63 -46.21
CA ILE A 203 -0.56 -5.84 -45.86
C ILE A 203 0.19 -4.55 -46.17
N SER A 204 -0.35 -3.78 -47.11
CA SER A 204 0.23 -2.49 -47.48
C SER A 204 0.03 -1.56 -46.28
N SER A 205 -1.21 -1.53 -45.79
CA SER A 205 -1.50 -0.71 -44.64
C SER A 205 -0.63 -1.12 -43.46
N TYR A 206 -0.35 -2.42 -43.32
CA TYR A 206 0.47 -2.88 -42.20
C TYR A 206 1.91 -2.37 -42.31
N LYS A 207 2.51 -2.54 -43.48
CA LYS A 207 3.88 -2.09 -43.70
C LYS A 207 4.01 -0.65 -43.26
N LYS A 208 3.08 0.18 -43.73
CA LYS A 208 3.10 1.60 -43.44
C LYS A 208 3.05 1.86 -41.95
N ILE A 209 2.20 1.12 -41.26
CA ILE A 209 2.06 1.29 -39.84
C ILE A 209 3.31 0.87 -39.06
N LEU A 210 3.85 -0.31 -39.35
CA LEU A 210 5.02 -0.76 -38.61
C LEU A 210 6.25 0.09 -38.88
N SER A 211 6.22 0.87 -39.96
CA SER A 211 7.32 1.75 -40.32
C SER A 211 7.08 3.12 -39.68
N ALA A 212 5.80 3.43 -39.46
CA ALA A 212 5.41 4.69 -38.83
C ALA A 212 5.90 4.69 -37.38
N VAL A 213 5.98 3.51 -36.77
CA VAL A 213 6.44 3.38 -35.39
C VAL A 213 7.86 2.88 -35.40
N SER A 214 8.30 2.42 -36.56
CA SER A 214 9.63 1.87 -36.80
C SER A 214 10.79 2.47 -35.98
N ASN A 215 10.96 3.79 -36.02
CA ASN A 215 12.05 4.41 -35.28
C ASN A 215 11.88 4.42 -33.75
N ASN A 216 10.70 4.05 -33.25
CA ASN A 216 10.49 4.09 -31.81
C ASN A 216 10.02 2.82 -31.19
N MSE A 217 10.49 1.70 -31.73
CA MSE A 217 10.14 0.39 -31.22
C MSE A 217 11.23 -0.56 -31.68
O MSE A 217 11.66 -0.50 -32.83
CB MSE A 217 8.76 -0.06 -31.72
CG MSE A 217 8.74 -0.65 -33.12
SE MSE A 217 8.56 -2.59 -33.13
CE MSE A 217 10.29 -3.02 -33.89
N GLN A 218 11.69 -1.40 -30.77
CA GLN A 218 12.76 -2.37 -31.06
C GLN A 218 12.28 -3.79 -30.72
N THR A 219 12.37 -4.68 -31.70
CA THR A 219 11.92 -6.05 -31.50
C THR A 219 12.99 -7.12 -31.64
N ASN A 220 12.72 -8.25 -31.00
CA ASN A 220 13.58 -9.42 -31.01
C ASN A 220 13.34 -10.16 -32.33
N ILE A 221 12.26 -9.79 -32.99
CA ILE A 221 11.87 -10.40 -34.25
C ILE A 221 12.81 -10.04 -35.39
N GLU A 222 12.80 -10.86 -36.44
CA GLU A 222 13.64 -10.64 -37.61
C GLU A 222 13.04 -9.59 -38.53
N ILE A 223 11.71 -9.48 -38.53
CA ILE A 223 10.97 -8.51 -39.34
C ILE A 223 11.46 -8.39 -40.79
N SER A 224 12.46 -9.20 -41.15
CA SER A 224 13.01 -9.17 -42.50
C SER A 224 11.91 -9.32 -43.54
N SER A 225 12.30 -9.31 -44.81
CA SER A 225 11.33 -9.48 -45.88
C SER A 225 10.88 -10.94 -45.81
N LYS A 226 9.86 -11.31 -46.57
CA LYS A 226 9.37 -12.68 -46.55
C LYS A 226 8.95 -13.07 -45.13
N THR A 227 8.64 -12.07 -44.32
CA THR A 227 8.23 -12.31 -42.95
C THR A 227 6.73 -12.12 -42.78
N ILE A 228 6.10 -11.50 -43.76
CA ILE A 228 4.67 -11.26 -43.69
C ILE A 228 3.83 -12.54 -43.88
N PRO A 229 4.27 -13.47 -44.75
CA PRO A 229 3.45 -14.67 -44.91
C PRO A 229 3.35 -15.38 -43.58
N ASN A 230 4.49 -15.42 -42.90
CA ASN A 230 4.63 -16.07 -41.61
C ASN A 230 3.80 -15.37 -40.54
N LEU A 231 3.96 -14.06 -40.43
CA LEU A 231 3.22 -13.29 -39.45
C LEU A 231 1.72 -13.29 -39.73
N LEU A 232 1.34 -13.04 -40.99
CA LEU A 232 -0.07 -13.04 -41.37
C LEU A 232 -0.73 -14.32 -40.87
N ALA A 233 0.07 -15.36 -40.72
CA ALA A 233 -0.44 -16.63 -40.26
C ALA A 233 -1.09 -16.50 -38.89
N TYR A 234 -0.79 -15.42 -38.15
CA TYR A 234 -1.37 -15.26 -36.83
C TYR A 234 -2.44 -14.15 -36.75
N LYS A 235 -2.68 -13.49 -37.88
CA LYS A 235 -3.66 -12.41 -37.96
C LYS A 235 -5.05 -12.82 -37.50
N ASP A 236 -5.43 -14.07 -37.74
CA ASP A 236 -6.75 -14.56 -37.33
C ASP A 236 -6.77 -14.75 -35.83
N SER A 237 -5.64 -15.17 -35.28
CA SER A 237 -5.52 -15.42 -33.85
C SER A 237 -5.76 -14.16 -33.04
N LEU A 238 -5.37 -13.03 -33.60
CA LEU A 238 -5.54 -11.75 -32.90
C LEU A 238 -7.02 -11.35 -32.83
N GLU A 239 -7.88 -12.12 -33.50
CA GLU A 239 -9.31 -11.84 -33.54
C GLU A 239 -10.03 -12.07 -32.22
N HIS A 240 -9.38 -12.77 -31.30
CA HIS A 240 -9.98 -13.06 -29.99
C HIS A 240 -8.95 -12.97 -28.87
N ILE A 241 -9.08 -11.95 -28.02
CA ILE A 241 -8.14 -11.75 -26.93
C ILE A 241 -8.72 -11.88 -25.54
N LYS A 242 -8.12 -12.72 -24.71
CA LYS A 242 -8.55 -12.89 -23.33
C LYS A 242 -7.48 -12.20 -22.50
N SER A 243 -7.85 -11.17 -21.76
CA SER A 243 -6.92 -10.41 -20.93
C SER A 243 -6.93 -10.80 -19.45
N TYR A 244 -5.74 -10.89 -18.87
CA TYR A 244 -5.61 -11.26 -17.46
C TYR A 244 -4.61 -10.33 -16.77
N GLN A 245 -4.78 -10.20 -15.46
CA GLN A 245 -3.90 -9.36 -14.65
C GLN A 245 -3.27 -10.20 -13.54
N LEU A 246 -1.94 -10.20 -13.49
CA LEU A 246 -1.21 -10.94 -12.47
C LEU A 246 -1.08 -10.05 -11.25
N LYS A 247 -1.65 -10.46 -10.13
CA LYS A 247 -1.56 -9.62 -8.93
C LYS A 247 -1.40 -10.38 -7.62
N GLY A 248 -0.66 -9.79 -6.69
CA GLY A 248 -0.48 -10.41 -5.39
C GLY A 248 -1.13 -9.58 -4.30
N GLU A 249 -1.01 -10.01 -3.05
CA GLU A 249 -1.58 -9.26 -1.93
C GLU A 249 -0.68 -8.07 -1.65
N ASP A 250 -1.27 -6.97 -1.19
CA ASP A 250 -0.50 -5.76 -0.88
C ASP A 250 0.26 -5.94 0.42
N ALA A 251 1.39 -5.26 0.53
CA ALA A 251 2.19 -5.35 1.74
C ALA A 251 3.13 -4.16 1.83
N THR A 252 3.47 -3.74 3.05
CA THR A 252 4.39 -2.62 3.25
C THR A 252 5.61 -3.19 3.97
N LEU A 253 6.80 -2.83 3.50
CA LEU A 253 8.03 -3.37 4.09
C LEU A 253 8.81 -2.42 5.00
N SER A 254 9.95 -2.91 5.50
CA SER A 254 10.83 -2.14 6.38
C SER A 254 10.91 -0.69 5.91
N ASP A 255 10.95 -0.49 4.61
CA ASP A 255 10.98 0.85 4.04
C ASP A 255 9.53 1.23 3.78
N GLY A 256 9.20 2.50 3.91
CA GLY A 256 7.83 2.94 3.70
C GLY A 256 7.24 2.59 2.36
N GLY A 257 8.00 1.85 1.55
CA GLY A 257 7.54 1.46 0.23
C GLY A 257 6.54 0.31 0.22
N SER A 258 5.46 0.48 -0.52
CA SER A 258 4.42 -0.53 -0.63
C SER A 258 4.68 -1.50 -1.80
N TYR A 259 4.51 -2.79 -1.53
CA TYR A 259 4.73 -3.84 -2.51
C TYR A 259 3.51 -4.70 -2.82
N GLN A 260 3.73 -5.68 -3.68
CA GLN A 260 2.71 -6.65 -4.09
C GLN A 260 3.38 -8.01 -3.93
N ILE A 261 2.82 -8.86 -3.07
CA ILE A 261 3.39 -10.18 -2.85
C ILE A 261 2.42 -11.27 -3.31
N LEU A 262 2.85 -12.01 -4.33
CA LEU A 262 2.06 -13.08 -4.93
C LEU A 262 1.99 -14.33 -4.07
N THR A 263 0.87 -15.04 -4.14
CA THR A 263 0.72 -16.29 -3.40
C THR A 263 1.12 -17.45 -4.28
N LYS A 264 1.52 -18.55 -3.65
CA LYS A 264 1.91 -19.74 -4.38
C LYS A 264 0.76 -20.26 -5.24
N LYS A 265 -0.40 -20.47 -4.60
CA LYS A 265 -1.57 -20.98 -5.29
C LYS A 265 -1.89 -20.24 -6.59
N HIS A 266 -1.71 -18.93 -6.57
CA HIS A 266 -2.02 -18.09 -7.72
C HIS A 266 -0.99 -18.11 -8.84
N LEU A 267 0.24 -17.74 -8.52
CA LEU A 267 1.30 -17.69 -9.51
C LEU A 267 1.44 -18.98 -10.30
N LEU A 268 1.23 -20.13 -9.65
CA LEU A 268 1.33 -21.40 -10.37
C LEU A 268 0.25 -21.42 -11.44
N ALA A 269 -1.00 -21.39 -11.00
CA ALA A 269 -2.15 -21.39 -11.91
C ALA A 269 -1.95 -20.51 -13.15
N VAL A 270 -1.48 -19.30 -12.92
CA VAL A 270 -1.24 -18.34 -14.00
C VAL A 270 -0.15 -18.83 -14.95
N GLN A 271 0.91 -19.41 -14.37
CA GLN A 271 2.00 -19.92 -15.18
C GLN A 271 1.40 -20.96 -16.12
N ASN A 272 0.88 -22.03 -15.52
CA ASN A 272 0.30 -23.15 -16.25
C ASN A 272 -0.78 -22.74 -17.25
N ARG A 273 -1.54 -21.70 -16.93
CA ARG A 273 -2.57 -21.21 -17.83
C ARG A 273 -1.84 -20.75 -19.09
N ILE A 274 -0.75 -20.01 -18.88
CA ILE A 274 0.06 -19.53 -19.99
C ILE A 274 0.73 -20.71 -20.68
N LYS A 275 1.30 -21.62 -19.89
CA LYS A 275 1.97 -22.80 -20.45
C LYS A 275 1.03 -23.58 -21.36
N LYS A 276 -0.22 -23.78 -20.94
CA LYS A 276 -1.17 -24.50 -21.76
C LYS A 276 -1.32 -23.79 -23.12
N GLU A 277 -1.20 -22.47 -23.13
CA GLU A 277 -1.32 -21.68 -24.35
C GLU A 277 -0.17 -21.93 -25.33
N LEU A 278 1.05 -22.00 -24.80
CA LEU A 278 2.21 -22.23 -25.66
C LEU A 278 2.48 -23.71 -25.90
N ASP A 279 1.52 -24.55 -25.55
CA ASP A 279 1.68 -25.99 -25.71
C ASP A 279 2.91 -26.47 -24.94
N LYS A 280 2.94 -26.13 -23.64
CA LYS A 280 4.04 -26.53 -22.76
C LYS A 280 3.45 -27.34 -21.63
N LYS A 281 4.24 -28.26 -21.09
CA LYS A 281 3.77 -29.08 -19.98
C LYS A 281 3.62 -28.17 -18.78
N ARG A 282 2.63 -28.45 -17.93
CA ARG A 282 2.41 -27.63 -16.75
C ARG A 282 3.16 -28.28 -15.60
N SER A 283 3.48 -27.51 -14.57
CA SER A 283 4.18 -28.03 -13.40
C SER A 283 3.21 -28.26 -12.24
N LYS A 284 3.46 -29.32 -11.47
CA LYS A 284 2.63 -29.65 -10.32
C LYS A 284 3.13 -28.85 -9.11
N THR A 285 4.43 -28.59 -9.09
CA THR A 285 5.04 -27.83 -8.00
C THR A 285 5.55 -26.55 -8.62
N LEU A 286 5.40 -25.45 -7.90
CA LEU A 286 5.81 -24.15 -8.39
C LEU A 286 7.30 -23.83 -8.24
N LYS A 287 7.79 -23.02 -9.17
CA LYS A 287 9.18 -22.53 -9.20
C LYS A 287 9.08 -21.12 -9.78
N THR A 288 9.76 -20.19 -9.14
CA THR A 288 9.74 -18.79 -9.56
C THR A 288 10.85 -18.06 -8.85
N SER A 289 11.16 -16.86 -9.30
CA SER A 289 12.21 -16.07 -8.64
C SER A 289 11.57 -15.00 -7.77
N ALA A 290 10.24 -15.02 -7.73
CA ALA A 290 9.50 -14.04 -6.95
C ALA A 290 9.27 -14.52 -5.54
N ILE A 291 9.16 -13.56 -4.63
CA ILE A 291 8.96 -13.82 -3.22
C ILE A 291 7.50 -14.20 -3.00
N LEU A 292 7.27 -15.42 -2.55
CA LEU A 292 5.90 -15.85 -2.33
C LEU A 292 5.34 -15.39 -0.98
N TYR A 293 4.03 -15.22 -0.97
CA TYR A 293 3.32 -14.74 0.21
C TYR A 293 3.49 -15.63 1.41
N GLU A 294 3.62 -16.93 1.17
CA GLU A 294 3.77 -17.90 2.26
C GLU A 294 5.17 -17.96 2.83
N ASP A 295 6.18 -17.91 1.97
CA ASP A 295 7.57 -17.97 2.45
C ASP A 295 7.97 -16.64 3.06
N TYR A 296 7.19 -15.61 2.83
CA TYR A 296 7.54 -14.31 3.38
C TYR A 296 6.98 -14.19 4.79
N TYR A 297 5.77 -14.72 4.96
CA TYR A 297 5.11 -14.66 6.24
C TYR A 297 5.29 -15.96 7.03
N GLY A 298 6.29 -16.75 6.65
CA GLY A 298 6.55 -18.00 7.34
C GLY A 298 5.27 -18.72 7.70
N LEU A 299 4.41 -18.92 6.71
CA LEU A 299 3.12 -19.56 6.90
C LEU A 299 3.13 -21.02 6.50
N GLU A 300 4.29 -21.51 6.08
CA GLU A 300 4.43 -22.89 5.62
C GLU A 300 5.04 -23.90 6.60
N HIS A 301 5.18 -23.52 7.86
CA HIS A 301 5.73 -24.42 8.88
C HIS A 301 7.12 -24.94 8.54
N HIS A 302 8.02 -24.06 8.11
CA HIS A 302 9.37 -24.48 7.76
C HIS A 302 10.39 -23.97 8.75
N HIS A 303 11.62 -24.44 8.59
CA HIS A 303 12.74 -24.07 9.43
C HIS A 303 12.99 -22.56 9.33
N HIS A 304 12.78 -22.01 8.14
CA HIS A 304 12.98 -20.59 7.88
C HIS A 304 14.08 -19.94 8.71
N LYS B 8 -2.39 20.77 32.77
CA LYS B 8 -2.78 22.03 32.10
C LYS B 8 -4.10 21.84 31.34
N SER B 9 -4.89 20.86 31.78
CA SER B 9 -6.16 20.58 31.12
C SER B 9 -7.27 21.49 31.61
N LYS B 10 -7.82 22.28 30.70
CA LYS B 10 -8.88 23.23 31.03
C LYS B 10 -10.17 22.48 31.34
N SER B 11 -10.12 21.16 31.24
CA SER B 11 -11.29 20.34 31.48
C SER B 11 -11.53 20.05 32.96
N HIS B 12 -12.81 20.02 33.34
CA HIS B 12 -13.18 19.74 34.71
C HIS B 12 -14.10 18.53 34.68
N ALA B 13 -13.85 17.63 33.73
CA ALA B 13 -14.63 16.42 33.55
C ALA B 13 -14.43 15.40 34.67
N ILE B 14 -13.20 15.28 35.14
CA ILE B 14 -12.91 14.35 36.24
C ILE B 14 -13.44 14.97 37.52
N GLU B 15 -12.94 16.16 37.85
CA GLU B 15 -13.33 16.88 39.05
C GLU B 15 -14.84 16.83 39.27
N GLU B 16 -15.60 16.68 38.19
CA GLU B 16 -17.06 16.63 38.28
C GLU B 16 -17.68 15.26 38.05
N THR B 17 -16.86 14.21 38.11
CA THR B 17 -17.37 12.86 37.89
C THR B 17 -18.25 12.86 36.64
N LYS B 18 -17.76 13.54 35.60
CA LYS B 18 -18.46 13.63 34.33
C LYS B 18 -17.66 12.81 33.34
N PRO B 19 -18.32 12.06 32.44
CA PRO B 19 -17.60 11.25 31.45
C PRO B 19 -16.51 12.07 30.80
N PHE B 20 -15.44 11.42 30.37
CA PHE B 20 -14.38 12.15 29.71
C PHE B 20 -13.68 11.30 28.67
N SER B 21 -12.68 11.88 28.03
CA SER B 21 -11.93 11.18 27.00
C SER B 21 -10.48 11.62 27.07
N ILE B 22 -9.59 10.67 26.87
CA ILE B 22 -8.17 10.97 26.92
C ILE B 22 -7.43 10.38 25.73
N LEU B 23 -6.49 11.17 25.22
CA LEU B 23 -5.68 10.76 24.09
C LEU B 23 -4.43 10.09 24.63
N LEU B 24 -4.45 8.77 24.65
CA LEU B 24 -3.32 7.99 25.14
C LEU B 24 -2.37 7.77 23.97
N MSE B 25 -1.08 8.04 24.20
CA MSE B 25 -0.10 7.89 23.14
C MSE B 25 1.20 7.26 23.55
O MSE B 25 1.77 7.61 24.59
CB MSE B 25 0.25 9.23 22.54
CG MSE B 25 -0.89 10.18 22.37
SE MSE B 25 -0.12 11.79 21.65
CE MSE B 25 -0.05 11.16 19.81
N GLY B 26 1.68 6.34 22.72
CA GLY B 26 2.96 5.71 22.97
C GLY B 26 3.92 6.52 22.14
N VAL B 27 4.95 7.08 22.77
CA VAL B 27 5.91 7.89 22.05
C VAL B 27 7.33 7.34 22.16
N ASP B 28 8.08 7.48 21.07
CA ASP B 28 9.46 7.04 21.05
C ASP B 28 10.25 8.33 20.98
N THR B 29 10.41 8.97 22.14
CA THR B 29 11.13 10.23 22.26
C THR B 29 12.59 10.09 21.86
N GLY B 30 12.84 9.35 20.79
CA GLY B 30 14.20 9.15 20.34
C GLY B 30 15.01 8.48 21.44
N SER B 31 16.16 7.92 21.07
CA SER B 31 17.00 7.26 22.07
C SER B 31 17.37 8.28 23.15
N GLU B 32 17.26 9.56 22.81
CA GLU B 32 17.56 10.64 23.75
C GLU B 32 16.39 11.57 23.95
N HIS B 33 15.96 11.71 25.19
CA HIS B 33 14.85 12.57 25.54
C HIS B 33 15.20 13.46 26.72
N ARG B 34 15.78 14.62 26.43
CA ARG B 34 16.17 15.56 27.48
C ARG B 34 16.03 17.00 27.04
N LYS B 35 16.88 17.44 26.12
CA LYS B 35 16.86 18.81 25.62
C LYS B 35 15.47 19.11 25.07
N SER B 36 14.72 18.05 24.81
CA SER B 36 13.35 18.17 24.29
C SER B 36 12.51 17.03 24.86
N LYS B 37 12.95 16.50 25.99
CA LYS B 37 12.28 15.40 26.69
C LYS B 37 11.24 14.63 25.89
N TRP B 38 10.06 15.23 25.71
CA TRP B 38 9.01 14.56 24.95
C TRP B 38 8.84 15.02 23.51
N SER B 39 9.79 14.64 22.67
CA SER B 39 9.76 14.98 21.25
C SER B 39 10.26 13.77 20.45
N GLY B 40 9.68 13.56 19.28
CA GLY B 40 10.09 12.43 18.46
C GLY B 40 9.01 11.89 17.55
N ASN B 41 8.55 10.66 17.80
CA ASN B 41 7.53 10.04 16.96
C ASN B 41 6.53 9.22 17.74
N SER B 42 5.26 9.34 17.35
CA SER B 42 4.17 8.61 18.00
C SER B 42 4.18 7.16 17.52
N ASP B 43 4.39 6.25 18.46
CA ASP B 43 4.42 4.82 18.14
C ASP B 43 3.09 4.17 18.48
N SER B 44 2.03 4.98 18.58
CA SER B 44 0.70 4.48 18.90
C SER B 44 -0.23 5.61 19.32
N MSE B 45 -1.51 5.47 18.97
CA MSE B 45 -2.52 6.49 19.32
C MSE B 45 -3.88 5.90 19.54
O MSE B 45 -4.44 5.25 18.65
CB MSE B 45 -2.64 7.54 18.21
CG MSE B 45 -1.57 8.61 18.24
SE MSE B 45 -1.99 10.08 17.06
CE MSE B 45 -1.42 9.29 15.39
N ILE B 46 -4.44 6.11 20.74
CA ILE B 46 -5.77 5.58 21.06
C ILE B 46 -6.62 6.67 21.70
N LEU B 47 -7.90 6.73 21.34
CA LEU B 47 -8.75 7.72 21.95
C LEU B 47 -9.63 6.93 22.91
N VAL B 48 -9.50 7.25 24.20
CA VAL B 48 -10.27 6.54 25.21
C VAL B 48 -11.45 7.34 25.78
N THR B 49 -12.58 6.67 25.93
CA THR B 49 -13.76 7.30 26.50
C THR B 49 -14.17 6.57 27.78
N ILE B 50 -14.20 7.31 28.89
CA ILE B 50 -14.58 6.73 30.18
C ILE B 50 -15.90 7.31 30.64
N ASN B 51 -16.87 6.45 30.93
CA ASN B 51 -18.19 6.89 31.35
C ASN B 51 -18.63 6.30 32.69
N PRO B 52 -18.52 7.08 33.78
CA PRO B 52 -18.91 6.59 35.09
C PRO B 52 -20.42 6.40 35.21
N LYS B 53 -21.17 7.13 34.40
CA LYS B 53 -22.62 7.03 34.42
C LYS B 53 -23.09 5.69 33.84
N THR B 54 -22.71 5.42 32.60
CA THR B 54 -23.09 4.18 31.92
C THR B 54 -22.14 3.04 32.26
N ASN B 55 -21.07 3.35 32.96
CA ASN B 55 -20.07 2.35 33.33
C ASN B 55 -19.56 1.54 32.12
N LYS B 56 -18.78 2.19 31.26
CA LYS B 56 -18.23 1.53 30.09
C LYS B 56 -17.10 2.36 29.51
N THR B 57 -16.13 1.69 28.89
CA THR B 57 -15.00 2.39 28.28
C THR B 57 -14.80 1.88 26.86
N THR B 58 -14.33 2.75 25.98
CA THR B 58 -14.07 2.38 24.60
C THR B 58 -12.67 2.84 24.24
N MSE B 59 -11.98 2.01 23.48
CA MSE B 59 -10.64 2.34 23.02
C MSE B 59 -10.68 2.27 21.52
O MSE B 59 -10.94 1.20 20.94
CB MSE B 59 -9.61 1.34 23.52
CG MSE B 59 -9.32 1.39 25.01
SE MSE B 59 -7.90 0.16 25.39
CE MSE B 59 -6.60 1.42 26.04
N THR B 60 -10.44 3.40 20.87
CA THR B 60 -10.43 3.46 19.42
C THR B 60 -9.04 3.85 18.96
N SER B 61 -8.30 2.89 18.42
CA SER B 61 -6.96 3.13 17.92
C SER B 61 -7.07 3.91 16.62
N LEU B 62 -6.15 4.85 16.41
CA LEU B 62 -6.14 5.67 15.22
C LEU B 62 -4.97 5.30 14.32
N GLU B 63 -5.26 4.77 13.14
CA GLU B 63 -4.23 4.35 12.19
C GLU B 63 -3.27 5.49 11.84
N ARG B 64 -1.97 5.22 11.88
CA ARG B 64 -0.95 6.23 11.61
C ARG B 64 -0.80 6.67 10.15
N ASP B 65 -1.21 5.83 9.21
CA ASP B 65 -1.11 6.13 7.78
C ASP B 65 -2.37 6.76 7.21
N VAL B 66 -3.16 7.39 8.08
CA VAL B 66 -4.39 8.02 7.63
C VAL B 66 -4.13 9.42 7.05
N LEU B 67 -4.47 9.58 5.77
CA LEU B 67 -4.28 10.86 5.08
C LEU B 67 -5.17 11.93 5.71
N ILE B 68 -4.54 13.03 6.12
CA ILE B 68 -5.29 14.11 6.77
C ILE B 68 -4.58 15.46 6.67
N LYS B 69 -5.38 16.53 6.70
CA LYS B 69 -4.85 17.89 6.65
C LYS B 69 -4.52 18.32 8.06
N LEU B 70 -3.24 18.15 8.42
CA LEU B 70 -2.75 18.47 9.76
C LEU B 70 -3.23 19.79 10.36
N SER B 71 -3.72 19.70 11.59
CA SER B 71 -4.19 20.87 12.31
C SER B 71 -3.12 21.24 13.32
N GLY B 72 -2.96 22.53 13.57
CA GLY B 72 -1.95 22.95 14.52
C GLY B 72 -1.84 24.45 14.64
N PRO B 73 -0.85 24.91 15.42
CA PRO B 73 -0.58 26.33 15.67
C PRO B 73 -0.33 27.13 14.41
N LYS B 74 -0.82 28.37 14.41
CA LYS B 74 -0.64 29.27 13.27
C LYS B 74 0.84 29.32 12.94
N ASN B 75 1.67 29.07 13.94
CA ASN B 75 3.12 29.08 13.78
C ASN B 75 3.70 27.68 13.71
N ASN B 76 3.52 27.00 12.57
CA ASN B 76 4.05 25.66 12.38
C ASN B 76 4.04 25.33 10.89
N GLY B 77 5.24 25.15 10.33
CA GLY B 77 5.38 24.87 8.92
C GLY B 77 4.55 23.71 8.37
N GLN B 78 4.12 22.81 9.25
CA GLN B 78 3.33 21.67 8.81
C GLN B 78 1.83 21.91 8.97
N THR B 79 1.46 22.82 9.87
CA THR B 79 0.05 23.09 10.08
C THR B 79 -0.56 23.37 8.72
N GLY B 80 -1.73 22.81 8.47
CA GLY B 80 -2.38 23.02 7.19
C GLY B 80 -1.98 22.01 6.14
N VAL B 81 -0.72 21.59 6.18
CA VAL B 81 -0.14 20.63 5.25
C VAL B 81 -0.81 19.26 5.30
N GLU B 82 -1.05 18.68 4.13
CA GLU B 82 -1.66 17.37 4.05
C GLU B 82 -0.59 16.31 4.32
N ALA B 83 -0.94 15.32 5.15
CA ALA B 83 0.03 14.27 5.47
C ALA B 83 -0.59 13.07 6.15
N LYS B 84 0.28 12.25 6.75
CA LYS B 84 -0.16 11.07 7.48
C LYS B 84 -0.47 11.51 8.91
N LEU B 85 -1.53 10.95 9.49
CA LEU B 85 -1.88 11.30 10.85
C LEU B 85 -0.69 11.17 11.81
N ASN B 86 0.17 10.20 11.52
CA ASN B 86 1.36 9.92 12.32
C ASN B 86 2.28 11.15 12.39
N ALA B 87 2.33 11.91 11.31
CA ALA B 87 3.19 13.08 11.22
C ALA B 87 2.83 14.33 12.05
N ALA B 88 1.70 14.30 12.77
CA ALA B 88 1.33 15.46 13.58
C ALA B 88 2.26 15.56 14.79
N TYR B 89 2.46 14.45 15.47
CA TYR B 89 3.32 14.46 16.64
C TYR B 89 4.76 14.75 16.26
N ALA B 90 5.31 13.94 15.35
CA ALA B 90 6.69 14.10 14.90
C ALA B 90 7.08 15.57 14.75
N SER B 91 6.18 16.36 14.17
CA SER B 91 6.46 17.79 13.94
C SER B 91 5.39 18.68 14.56
N GLY B 92 5.49 18.93 15.86
CA GLY B 92 4.51 19.76 16.53
C GLY B 92 4.05 19.14 17.84
N GLY B 93 4.90 18.27 18.39
CA GLY B 93 4.61 17.60 19.65
C GLY B 93 3.16 17.21 19.87
N ALA B 94 2.78 17.15 21.14
CA ALA B 94 1.42 16.77 21.52
C ALA B 94 0.39 17.78 21.01
N GLU B 95 0.62 19.05 21.32
CA GLU B 95 -0.26 20.13 20.89
C GLU B 95 -0.90 19.81 19.54
N MSE B 96 -0.05 19.70 18.53
CA MSE B 96 -0.51 19.41 17.18
C MSE B 96 -1.26 18.08 17.10
O MSE B 96 -2.39 18.00 16.58
CB MSE B 96 0.69 19.40 16.22
CG MSE B 96 0.31 19.32 14.76
SE MSE B 96 1.69 20.05 13.65
CE MSE B 96 1.15 21.89 13.70
N ALA B 97 -0.63 17.02 17.61
CA ALA B 97 -1.23 15.70 17.61
C ALA B 97 -2.65 15.78 18.16
N LEU B 98 -2.76 16.36 19.35
CA LEU B 98 -4.04 16.53 20.00
C LEU B 98 -4.95 17.36 19.11
N MSE B 99 -4.40 18.43 18.58
CA MSE B 99 -5.16 19.33 17.73
C MSE B 99 -5.66 18.62 16.48
O MSE B 99 -6.77 18.91 16.00
CB MSE B 99 -4.33 20.55 17.36
CG MSE B 99 -4.00 21.42 18.56
SE MSE B 99 -3.42 23.20 18.11
CE MSE B 99 -5.16 23.96 17.75
N THR B 100 -4.86 17.71 15.94
CA THR B 100 -5.25 16.99 14.74
C THR B 100 -6.31 15.92 15.00
N VAL B 101 -6.17 15.21 16.10
CA VAL B 101 -7.14 14.19 16.46
C VAL B 101 -8.50 14.84 16.62
N GLN B 102 -8.50 16.00 17.27
CA GLN B 102 -9.74 16.74 17.50
C GLN B 102 -10.42 17.04 16.19
N ASP B 103 -9.69 17.69 15.29
CA ASP B 103 -10.26 18.05 13.98
C ASP B 103 -10.57 16.82 13.14
N LEU B 104 -10.11 15.67 13.60
CA LEU B 104 -10.37 14.42 12.89
C LEU B 104 -11.70 13.86 13.35
N LEU B 105 -11.81 13.65 14.65
CA LEU B 105 -13.02 13.09 15.26
C LEU B 105 -14.11 14.12 15.48
N ASP B 106 -13.78 15.40 15.32
CA ASP B 106 -14.73 16.47 15.54
C ASP B 106 -15.18 16.43 16.99
N ILE B 107 -14.23 16.58 17.89
CA ILE B 107 -14.53 16.50 19.29
C ILE B 107 -13.43 17.13 20.11
N ASN B 108 -13.81 17.70 21.25
CA ASN B 108 -12.84 18.31 22.15
C ASN B 108 -12.32 17.18 23.02
N VAL B 109 -11.00 17.05 23.11
CA VAL B 109 -10.41 16.00 23.92
C VAL B 109 -10.08 16.56 25.30
N ASP B 110 -10.84 16.11 26.31
CA ASP B 110 -10.65 16.56 27.68
C ASP B 110 -9.20 16.48 28.11
N TYR B 111 -8.74 15.26 28.40
CA TYR B 111 -7.35 15.07 28.83
C TYR B 111 -6.53 14.29 27.80
N PHE B 112 -5.22 14.28 28.03
CA PHE B 112 -4.29 13.60 27.14
C PHE B 112 -3.12 13.01 27.94
N MSE B 113 -2.43 12.03 27.37
CA MSE B 113 -1.31 11.42 28.07
C MSE B 113 -0.30 10.72 27.15
O MSE B 113 -0.66 10.23 26.08
CB MSE B 113 -1.83 10.40 29.08
CG MSE B 113 -0.73 9.59 29.74
SE MSE B 113 -1.50 8.18 30.79
CE MSE B 113 -2.12 9.24 32.29
N GLN B 114 0.95 10.68 27.57
CA GLN B 114 1.98 10.02 26.78
C GLN B 114 2.97 9.25 27.64
N ILE B 115 3.45 8.13 27.11
CA ILE B 115 4.42 7.27 27.81
C ILE B 115 5.41 6.74 26.77
N ASN B 116 6.71 6.98 26.98
CA ASN B 116 7.70 6.52 26.01
C ASN B 116 8.00 5.03 26.15
N MSE B 117 8.92 4.56 25.32
CA MSE B 117 9.34 3.15 25.30
C MSE B 117 9.66 2.63 26.70
O MSE B 117 9.24 1.54 27.08
CB MSE B 117 10.55 2.97 24.40
CG MSE B 117 10.42 3.57 23.01
SE MSE B 117 9.03 2.79 21.93
CE MSE B 117 7.57 3.98 22.38
N GLN B 118 10.43 3.41 27.44
CA GLN B 118 10.83 3.03 28.79
C GLN B 118 9.64 2.95 29.75
N GLY B 119 8.79 3.98 29.72
CA GLY B 119 7.62 3.99 30.58
C GLY B 119 6.77 2.73 30.44
N LEU B 120 6.78 2.12 29.26
CA LEU B 120 6.01 0.90 29.03
C LEU B 120 6.66 -0.28 29.72
N VAL B 121 7.93 -0.50 29.41
CA VAL B 121 8.68 -1.60 30.01
C VAL B 121 8.52 -1.60 31.52
N ASP B 122 8.78 -0.45 32.13
CA ASP B 122 8.68 -0.30 33.58
C ASP B 122 7.28 -0.64 34.06
N LEU B 123 6.29 -0.11 33.37
CA LEU B 123 4.90 -0.34 33.73
C LEU B 123 4.48 -1.80 33.69
N VAL B 124 4.77 -2.48 32.57
CA VAL B 124 4.40 -3.89 32.44
C VAL B 124 5.10 -4.69 33.54
N ASN B 125 6.24 -4.17 34.00
CA ASN B 125 6.99 -4.84 35.06
C ASN B 125 6.32 -4.62 36.41
N ALA B 126 6.09 -3.36 36.75
CA ALA B 126 5.45 -3.02 38.01
C ALA B 126 4.26 -3.93 38.26
N VAL B 127 3.31 -3.96 37.33
CA VAL B 127 2.12 -4.81 37.49
C VAL B 127 2.51 -6.26 37.69
N GLY B 128 3.81 -6.54 37.60
CA GLY B 128 4.31 -7.88 37.77
C GLY B 128 4.43 -8.66 36.47
N GLY B 129 4.10 -8.01 35.36
CA GLY B 129 4.18 -8.67 34.07
C GLY B 129 2.81 -9.08 33.57
N ILE B 130 2.75 -9.55 32.33
CA ILE B 130 1.50 -9.98 31.73
C ILE B 130 1.65 -11.26 30.93
N THR B 131 0.52 -11.89 30.61
CA THR B 131 0.52 -13.13 29.85
C THR B 131 -0.16 -13.01 28.50
N VAL B 132 0.64 -13.07 27.43
CA VAL B 132 0.14 -12.99 26.07
C VAL B 132 0.12 -14.38 25.42
N THR B 133 0.17 -14.40 24.09
CA THR B 133 0.16 -15.66 23.34
C THR B 133 0.63 -15.45 21.91
N ASN B 134 1.78 -16.03 21.56
CA ASN B 134 2.29 -15.91 20.21
C ASN B 134 1.61 -16.97 19.34
N LYS B 135 0.62 -16.54 18.56
CA LYS B 135 -0.14 -17.40 17.67
C LYS B 135 0.67 -17.89 16.48
N PHE B 136 1.81 -17.26 16.24
CA PHE B 136 2.64 -17.65 15.12
C PHE B 136 3.47 -18.89 15.43
N ASP B 137 4.31 -19.28 14.47
CA ASP B 137 5.16 -20.44 14.61
C ASP B 137 6.55 -19.92 14.98
N PHE B 138 6.85 -18.71 14.54
CA PHE B 138 8.12 -18.06 14.80
C PHE B 138 8.04 -17.13 16.01
N PRO B 139 9.17 -16.53 16.40
CA PRO B 139 9.13 -15.61 17.55
C PRO B 139 8.76 -14.18 17.14
N ILE B 140 7.88 -13.56 17.91
CA ILE B 140 7.47 -12.19 17.65
C ILE B 140 8.63 -11.30 18.05
N SER B 141 9.46 -10.92 17.09
CA SER B 141 10.62 -10.07 17.37
C SER B 141 10.76 -8.88 16.42
N ILE B 142 11.75 -8.03 16.70
CA ILE B 142 12.00 -6.85 15.89
C ILE B 142 13.49 -6.58 15.74
N ALA B 143 14.29 -7.48 16.30
CA ALA B 143 15.76 -7.35 16.24
C ALA B 143 16.28 -7.05 14.84
N ALA B 144 15.59 -7.57 13.84
CA ALA B 144 15.99 -7.35 12.45
C ALA B 144 16.05 -5.86 12.16
N ASN B 145 14.88 -5.24 12.05
CA ASN B 145 14.78 -3.82 11.76
C ASN B 145 15.38 -2.96 12.86
N GLU B 146 15.44 -3.51 14.07
CA GLU B 146 16.00 -2.80 15.21
C GLU B 146 16.83 -3.76 16.05
N PRO B 147 18.13 -3.85 15.77
CA PRO B 147 19.01 -4.75 16.52
C PRO B 147 19.08 -4.33 17.99
N GLU B 148 18.48 -3.18 18.29
CA GLU B 148 18.48 -2.67 19.64
C GLU B 148 17.70 -3.61 20.53
N TYR B 149 16.44 -3.87 20.16
CA TYR B 149 15.58 -4.74 20.94
C TYR B 149 15.66 -6.18 20.45
N LYS B 150 16.33 -7.01 21.23
CA LYS B 150 16.50 -8.42 20.87
C LYS B 150 15.60 -9.36 21.69
N ALA B 151 14.74 -8.78 22.53
CA ALA B 151 13.82 -9.58 23.34
C ALA B 151 12.70 -10.13 22.45
N VAL B 152 12.29 -11.36 22.69
CA VAL B 152 11.22 -11.95 21.88
C VAL B 152 10.17 -12.65 22.72
N VAL B 153 9.26 -13.35 22.04
CA VAL B 153 8.18 -14.08 22.69
C VAL B 153 7.94 -15.39 21.95
N GLU B 154 8.50 -16.48 22.47
CA GLU B 154 8.34 -17.79 21.83
C GLU B 154 6.87 -18.15 21.58
N PRO B 155 6.61 -18.90 20.51
CA PRO B 155 5.27 -19.34 20.14
C PRO B 155 4.49 -19.91 21.31
N GLY B 156 3.17 -20.00 21.14
CA GLY B 156 2.34 -20.55 22.19
C GLY B 156 2.04 -19.56 23.31
N THR B 157 1.37 -20.04 24.35
CA THR B 157 1.02 -19.21 25.49
C THR B 157 2.19 -19.03 26.45
N HIS B 158 2.46 -17.80 26.86
CA HIS B 158 3.55 -17.52 27.77
C HIS B 158 3.29 -16.29 28.64
N LYS B 159 4.28 -15.96 29.47
CA LYS B 159 4.21 -14.80 30.33
C LYS B 159 5.43 -13.99 29.93
N ILE B 160 5.33 -12.67 29.94
CA ILE B 160 6.47 -11.87 29.56
C ILE B 160 6.66 -10.64 30.44
N ASN B 161 7.79 -9.96 30.28
CA ASN B 161 8.09 -8.77 31.05
C ASN B 161 7.96 -7.51 30.20
N GLY B 162 8.56 -6.43 30.66
CA GLY B 162 8.49 -5.17 29.92
C GLY B 162 9.14 -5.23 28.57
N GLU B 163 10.45 -5.46 28.53
CA GLU B 163 11.18 -5.52 27.27
C GLU B 163 10.46 -6.37 26.26
N GLN B 164 10.10 -7.59 26.65
CA GLN B 164 9.38 -8.49 25.76
C GLN B 164 8.12 -7.80 25.25
N ALA B 165 7.28 -7.38 26.19
CA ALA B 165 6.04 -6.71 25.86
C ALA B 165 6.21 -5.64 24.78
N LEU B 166 7.21 -4.77 24.95
CA LEU B 166 7.48 -3.71 23.99
C LEU B 166 7.52 -4.30 22.59
N VAL B 167 8.33 -5.34 22.43
CA VAL B 167 8.47 -6.03 21.17
C VAL B 167 7.12 -6.53 20.64
N TYR B 168 6.36 -7.20 21.51
CA TYR B 168 5.04 -7.73 21.16
C TYR B 168 4.14 -6.70 20.49
N SER B 169 4.19 -5.47 21.00
CA SER B 169 3.35 -4.40 20.48
C SER B 169 4.10 -3.44 19.56
N ARG B 170 4.97 -3.99 18.73
CA ARG B 170 5.74 -3.19 17.79
C ARG B 170 5.89 -4.01 16.54
N MSE B 171 6.10 -5.31 16.73
CA MSE B 171 6.25 -6.23 15.63
C MSE B 171 5.16 -5.89 14.62
O MSE B 171 4.00 -5.67 14.99
CB MSE B 171 6.10 -7.68 16.11
CG MSE B 171 6.43 -8.73 15.05
SE MSE B 171 5.21 -8.87 13.55
CE MSE B 171 4.06 -10.29 14.17
N ARG B 172 5.55 -5.83 13.35
CA ARG B 172 4.63 -5.47 12.30
C ARG B 172 4.88 -6.21 10.98
N TYR B 173 6.07 -6.01 10.44
CA TYR B 173 6.47 -6.58 9.17
C TYR B 173 6.32 -8.08 8.96
N ASP B 174 6.19 -8.85 10.04
CA ASP B 174 6.00 -10.30 9.88
C ASP B 174 4.54 -10.70 10.02
N ASP B 175 3.73 -9.78 10.56
CA ASP B 175 2.31 -10.06 10.73
C ASP B 175 1.59 -9.76 9.42
N PRO B 176 1.01 -10.80 8.80
CA PRO B 176 0.32 -10.60 7.54
C PRO B 176 -0.78 -9.55 7.68
N GLU B 177 -1.25 -9.37 8.92
CA GLU B 177 -2.30 -8.39 9.19
C GLU B 177 -1.71 -6.99 9.30
N GLY B 178 -0.40 -6.91 9.10
CA GLY B 178 0.28 -5.63 9.13
C GLY B 178 0.04 -4.76 10.34
N ASP B 179 -0.07 -3.46 10.11
CA ASP B 179 -0.26 -2.51 11.19
C ASP B 179 -1.59 -2.66 11.96
N TYR B 180 -2.49 -3.49 11.46
CA TYR B 180 -3.76 -3.68 12.17
C TYR B 180 -3.64 -4.86 13.09
N GLY B 181 -2.57 -5.62 12.92
CA GLY B 181 -2.33 -6.75 13.77
C GLY B 181 -1.58 -6.17 14.95
N ARG B 182 -0.60 -5.33 14.62
CA ARG B 182 0.23 -4.65 15.60
C ARG B 182 -0.66 -3.84 16.53
N GLN B 183 -1.41 -2.93 15.93
CA GLN B 183 -2.31 -2.10 16.74
C GLN B 183 -3.10 -3.01 17.67
N LYS B 184 -3.72 -4.03 17.09
CA LYS B 184 -4.52 -4.97 17.87
C LYS B 184 -3.76 -5.48 19.08
N ARG B 185 -2.48 -5.75 18.91
CA ARG B 185 -1.67 -6.26 20.02
C ARG B 185 -1.33 -5.12 20.98
N GLN B 186 -1.10 -3.92 20.44
CA GLN B 186 -0.80 -2.78 21.29
C GLN B 186 -1.94 -2.60 22.28
N ARG B 187 -3.17 -2.72 21.80
CA ARG B 187 -4.34 -2.57 22.65
C ARG B 187 -4.38 -3.66 23.71
N GLU B 188 -3.95 -4.85 23.33
CA GLU B 188 -3.96 -6.01 24.21
C GLU B 188 -3.02 -5.88 25.41
N VAL B 189 -1.92 -5.17 25.24
CA VAL B 189 -1.00 -4.99 26.35
C VAL B 189 -1.60 -3.95 27.30
N ILE B 190 -1.98 -2.80 26.75
CA ILE B 190 -2.58 -1.73 27.55
C ILE B 190 -3.66 -2.32 28.45
N GLN B 191 -4.64 -2.97 27.84
CA GLN B 191 -5.76 -3.57 28.55
C GLN B 191 -5.35 -4.52 29.66
N LYS B 192 -4.34 -5.34 29.42
CA LYS B 192 -3.90 -6.30 30.43
C LYS B 192 -3.12 -5.62 31.55
N VAL B 193 -2.17 -4.76 31.18
CA VAL B 193 -1.38 -4.04 32.17
C VAL B 193 -2.36 -3.21 32.97
N LEU B 194 -3.53 -2.97 32.37
CA LEU B 194 -4.58 -2.20 33.00
C LEU B 194 -5.25 -3.07 34.07
N LYS B 195 -5.93 -4.11 33.61
CA LYS B 195 -6.63 -5.04 34.49
C LYS B 195 -5.79 -5.32 35.73
N LYS B 196 -4.49 -5.47 35.51
CA LYS B 196 -3.52 -5.73 36.56
C LYS B 196 -3.59 -4.66 37.66
N ILE B 197 -3.65 -3.40 37.23
CA ILE B 197 -3.72 -2.26 38.14
C ILE B 197 -5.02 -2.21 38.91
N LEU B 198 -6.13 -2.39 38.20
CA LEU B 198 -7.44 -2.38 38.84
C LEU B 198 -7.45 -3.52 39.85
N ALA B 199 -6.56 -4.48 39.62
CA ALA B 199 -6.43 -5.64 40.50
C ALA B 199 -5.82 -5.23 41.82
N LEU B 200 -4.63 -4.62 41.79
CA LEU B 200 -3.96 -4.18 43.01
C LEU B 200 -4.95 -3.64 44.00
N ASN B 201 -6.05 -3.09 43.48
CA ASN B 201 -7.12 -2.55 44.29
C ASN B 201 -6.63 -1.94 45.59
N SER B 202 -5.61 -1.09 45.49
CA SER B 202 -5.05 -0.43 46.65
C SER B 202 -4.63 0.97 46.27
N ILE B 203 -5.01 1.94 47.09
CA ILE B 203 -4.68 3.34 46.86
C ILE B 203 -3.16 3.51 47.00
N SER B 204 -2.52 2.58 47.70
CA SER B 204 -1.08 2.65 47.91
C SER B 204 -0.36 1.99 46.75
N SER B 205 -1.01 1.01 46.13
CA SER B 205 -0.44 0.29 45.00
C SER B 205 -0.42 1.21 43.79
N TYR B 206 -1.57 1.81 43.48
CA TYR B 206 -1.69 2.71 42.34
C TYR B 206 -0.58 3.76 42.38
N LYS B 207 -0.31 4.25 43.59
CA LYS B 207 0.73 5.24 43.75
C LYS B 207 2.07 4.66 43.31
N LYS B 208 2.43 3.52 43.90
CA LYS B 208 3.69 2.87 43.55
C LYS B 208 3.86 2.73 42.04
N ILE B 209 2.86 2.18 41.38
CA ILE B 209 2.92 2.02 39.93
C ILE B 209 3.25 3.35 39.26
N LEU B 210 2.59 4.42 39.70
CA LEU B 210 2.84 5.75 39.12
C LEU B 210 4.24 6.23 39.44
N SER B 211 4.88 5.57 40.39
CA SER B 211 6.24 5.93 40.79
C SER B 211 7.20 5.31 39.78
N ALA B 212 6.84 4.14 39.27
CA ALA B 212 7.67 3.45 38.29
C ALA B 212 7.66 4.24 36.97
N VAL B 213 6.48 4.36 36.37
CA VAL B 213 6.33 5.09 35.12
C VAL B 213 6.78 6.53 35.31
N SER B 214 6.50 7.05 36.51
CA SER B 214 6.84 8.41 36.90
C SER B 214 7.57 9.23 35.83
N ASN B 215 8.90 9.26 35.93
CA ASN B 215 9.73 10.01 35.00
C ASN B 215 9.30 9.95 33.53
N ASN B 216 9.41 8.76 32.92
CA ASN B 216 9.04 8.60 31.52
C ASN B 216 7.52 8.52 31.39
N MSE B 217 6.86 9.58 31.82
CA MSE B 217 5.40 9.66 31.78
C MSE B 217 5.04 11.13 31.73
O MSE B 217 5.81 11.98 32.18
CB MSE B 217 4.82 8.99 33.02
CG MSE B 217 3.59 9.67 33.61
SE MSE B 217 2.04 9.57 32.49
CE MSE B 217 1.30 7.93 33.17
N GLN B 218 3.87 11.44 31.19
CA GLN B 218 3.41 12.82 31.10
C GLN B 218 1.90 12.79 30.89
N THR B 219 1.18 13.55 31.71
CA THR B 219 -0.26 13.62 31.58
C THR B 219 -0.82 15.03 31.65
N ASN B 220 -2.01 15.18 31.12
CA ASN B 220 -2.72 16.45 31.08
C ASN B 220 -3.52 16.60 32.37
N ILE B 221 -3.22 15.76 33.35
CA ILE B 221 -3.94 15.77 34.61
C ILE B 221 -3.16 16.30 35.81
N GLU B 222 -3.90 16.76 36.82
CA GLU B 222 -3.34 17.34 38.05
C GLU B 222 -2.64 16.33 38.96
N ILE B 223 -3.43 15.63 39.77
CA ILE B 223 -2.91 14.64 40.72
C ILE B 223 -2.33 15.32 41.96
N LYS B 226 -5.59 14.80 46.66
CA LYS B 226 -7.02 15.04 46.54
C LYS B 226 -7.51 14.89 45.11
N THR B 227 -6.69 14.23 44.29
CA THR B 227 -7.02 14.00 42.89
C THR B 227 -7.50 12.57 42.70
N ILE B 228 -6.70 11.63 43.18
CA ILE B 228 -7.02 10.22 43.07
C ILE B 228 -8.41 9.83 43.61
N PRO B 229 -8.84 10.45 44.71
CA PRO B 229 -10.16 10.11 45.26
C PRO B 229 -11.27 10.23 44.23
N ASN B 230 -11.00 10.99 43.17
CA ASN B 230 -11.97 11.18 42.10
C ASN B 230 -11.64 10.25 40.96
N LEU B 231 -10.34 10.09 40.71
CA LEU B 231 -9.89 9.20 39.66
C LEU B 231 -10.53 7.86 39.92
N LEU B 232 -10.76 7.54 41.18
CA LEU B 232 -11.39 6.28 41.58
C LEU B 232 -12.81 6.12 41.06
N ALA B 233 -13.49 7.24 40.88
CA ALA B 233 -14.86 7.26 40.40
C ALA B 233 -15.06 6.44 39.13
N TYR B 234 -14.04 6.43 38.26
CA TYR B 234 -14.15 5.71 37.00
C TYR B 234 -13.60 4.27 36.98
N LYS B 235 -13.05 3.82 38.11
CA LYS B 235 -12.49 2.47 38.21
C LYS B 235 -13.47 1.40 37.71
N ASP B 236 -14.70 1.42 38.20
CA ASP B 236 -15.69 0.44 37.78
C ASP B 236 -15.86 0.41 36.26
N SER B 237 -15.46 1.49 35.61
CA SER B 237 -15.57 1.59 34.15
C SER B 237 -14.37 0.95 33.47
N LEU B 238 -13.20 1.12 34.05
CA LEU B 238 -11.97 0.56 33.49
C LEU B 238 -12.04 -0.97 33.59
N GLU B 239 -13.17 -1.45 34.08
CA GLU B 239 -13.40 -2.88 34.25
C GLU B 239 -14.17 -3.37 33.02
N HIS B 240 -14.80 -2.43 32.33
CA HIS B 240 -15.58 -2.73 31.13
C HIS B 240 -15.02 -1.97 29.93
N ILE B 241 -14.19 -2.66 29.14
CA ILE B 241 -13.54 -2.08 27.97
C ILE B 241 -13.98 -2.68 26.66
N LYS B 242 -14.17 -1.82 25.66
CA LYS B 242 -14.55 -2.23 24.31
C LYS B 242 -13.53 -1.56 23.39
N SER B 243 -12.95 -2.32 22.48
CA SER B 243 -11.95 -1.77 21.57
C SER B 243 -12.42 -1.62 20.11
N TYR B 244 -11.78 -0.69 19.40
CA TYR B 244 -12.10 -0.45 18.02
C TYR B 244 -10.85 0.00 17.27
N GLN B 245 -10.90 -0.13 15.95
CA GLN B 245 -9.79 0.24 15.08
C GLN B 245 -10.29 1.17 13.99
N LEU B 246 -9.81 2.41 14.01
CA LEU B 246 -10.22 3.38 13.01
C LEU B 246 -9.30 3.19 11.82
N LYS B 247 -9.86 2.90 10.66
CA LYS B 247 -9.03 2.71 9.48
C LYS B 247 -9.78 2.90 8.15
N GLY B 248 -9.04 3.39 7.16
CA GLY B 248 -9.65 3.62 5.86
C GLY B 248 -9.15 2.63 4.84
N GLU B 249 -9.44 2.92 3.58
CA GLU B 249 -9.04 2.09 2.46
C GLU B 249 -7.57 2.35 2.20
N ASP B 250 -6.88 1.41 1.56
CA ASP B 250 -5.47 1.59 1.26
C ASP B 250 -5.30 2.33 -0.05
N ALA B 251 -4.10 2.87 -0.28
CA ALA B 251 -3.79 3.61 -1.50
C ALA B 251 -2.30 3.97 -1.58
N THR B 252 -1.87 4.34 -2.78
CA THR B 252 -0.49 4.73 -3.01
C THR B 252 -0.49 6.07 -3.73
N LEU B 253 -0.07 7.12 -3.04
CA LEU B 253 -0.07 8.44 -3.65
C LEU B 253 1.18 8.72 -4.49
N SER B 254 1.34 9.97 -4.90
CA SER B 254 2.45 10.42 -5.74
C SER B 254 3.84 10.10 -5.19
N ASP B 255 3.89 9.14 -4.29
CA ASP B 255 5.12 8.68 -3.67
C ASP B 255 4.86 7.22 -3.27
N GLY B 256 5.90 6.41 -3.18
CA GLY B 256 5.70 5.02 -2.81
C GLY B 256 4.98 4.91 -1.48
N GLY B 257 4.77 6.05 -0.85
CA GLY B 257 4.10 6.09 0.44
C GLY B 257 2.69 5.53 0.45
N SER B 258 2.53 4.37 1.09
CA SER B 258 1.20 3.77 1.16
C SER B 258 0.41 4.44 2.29
N TYR B 259 -0.70 5.06 1.93
CA TYR B 259 -1.54 5.72 2.91
C TYR B 259 -2.83 4.96 3.21
N GLN B 260 -3.71 5.63 3.95
CA GLN B 260 -5.01 5.10 4.35
C GLN B 260 -5.97 6.28 4.17
N ILE B 261 -7.12 6.02 3.56
CA ILE B 261 -8.10 7.08 3.29
C ILE B 261 -9.46 6.71 3.86
N LEU B 262 -9.85 7.41 4.92
CA LEU B 262 -11.13 7.16 5.59
C LEU B 262 -12.30 7.47 4.65
N THR B 263 -13.37 6.70 4.74
CA THR B 263 -14.54 6.93 3.91
C THR B 263 -15.63 7.63 4.71
N LYS B 264 -16.27 8.60 4.07
CA LYS B 264 -17.32 9.41 4.65
C LYS B 264 -18.17 8.73 5.73
N LYS B 265 -19.02 7.79 5.34
CA LYS B 265 -19.88 7.11 6.29
C LYS B 265 -19.12 6.68 7.55
N HIS B 266 -18.44 5.55 7.48
CA HIS B 266 -17.65 5.04 8.61
C HIS B 266 -17.21 6.13 9.59
N LEU B 267 -16.26 6.96 9.18
CA LEU B 267 -15.74 8.02 10.05
C LEU B 267 -16.85 8.74 10.82
N LEU B 268 -17.97 8.97 10.15
CA LEU B 268 -19.11 9.62 10.78
C LEU B 268 -19.56 8.80 11.98
N ALA B 269 -19.87 7.52 11.75
CA ALA B 269 -20.32 6.61 12.80
C ALA B 269 -19.32 6.57 13.94
N VAL B 270 -18.05 6.44 13.60
CA VAL B 270 -17.00 6.42 14.62
C VAL B 270 -17.15 7.71 15.42
N GLN B 271 -17.27 8.84 14.71
CA GLN B 271 -17.41 10.14 15.37
C GLN B 271 -18.60 10.16 16.32
N ASN B 272 -19.77 9.82 15.79
CA ASN B 272 -20.99 9.81 16.59
C ASN B 272 -20.87 8.78 17.71
N ARG B 273 -20.35 7.60 17.37
CA ARG B 273 -20.18 6.52 18.33
C ARG B 273 -19.32 7.00 19.52
N ILE B 274 -18.20 7.66 19.23
CA ILE B 274 -17.34 8.17 20.29
C ILE B 274 -18.05 9.34 21.00
N LYS B 275 -18.80 10.12 20.22
CA LYS B 275 -19.53 11.26 20.76
C LYS B 275 -20.56 10.83 21.78
N LYS B 276 -21.34 9.81 21.43
CA LYS B 276 -22.37 9.32 22.33
C LYS B 276 -21.73 8.97 23.70
N GLU B 277 -20.66 8.19 23.67
CA GLU B 277 -19.97 7.79 24.89
C GLU B 277 -19.65 8.98 25.80
N LEU B 278 -19.41 10.16 25.21
CA LEU B 278 -19.10 11.36 25.99
C LEU B 278 -20.36 12.21 26.25
N ASP B 279 -21.53 11.59 26.17
CA ASP B 279 -22.79 12.31 26.38
C ASP B 279 -22.90 13.53 25.45
N LYS B 280 -22.29 13.44 24.27
CA LYS B 280 -22.33 14.54 23.31
C LYS B 280 -23.36 14.28 22.20
N LYS B 281 -23.88 15.36 21.64
CA LYS B 281 -24.88 15.22 20.58
C LYS B 281 -24.23 14.68 19.33
N ARG B 282 -24.97 13.84 18.60
CA ARG B 282 -24.48 13.24 17.37
C ARG B 282 -24.79 14.25 16.27
N SER B 283 -24.04 14.18 15.17
CA SER B 283 -24.25 15.10 14.07
C SER B 283 -24.83 14.37 12.87
N LYS B 284 -25.66 15.06 12.08
CA LYS B 284 -26.23 14.46 10.90
C LYS B 284 -25.31 14.75 9.72
N THR B 285 -24.42 15.72 9.90
CA THR B 285 -23.47 16.10 8.86
C THR B 285 -22.06 15.93 9.39
N LEU B 286 -21.17 15.41 8.56
CA LEU B 286 -19.78 15.16 8.94
C LEU B 286 -18.82 16.30 8.71
N LYS B 287 -18.00 16.57 9.72
CA LYS B 287 -16.99 17.62 9.64
C LYS B 287 -15.68 17.01 10.13
N THR B 288 -14.67 16.96 9.27
CA THR B 288 -13.40 16.39 9.67
C THR B 288 -12.23 16.95 8.87
N SER B 289 -11.05 16.96 9.47
CA SER B 289 -9.85 17.49 8.83
C SER B 289 -9.20 16.44 7.96
N ALA B 290 -9.72 15.22 8.03
CA ALA B 290 -9.19 14.12 7.26
C ALA B 290 -9.67 14.19 5.82
N ILE B 291 -8.81 13.73 4.91
CA ILE B 291 -9.11 13.69 3.50
C ILE B 291 -9.97 12.45 3.25
N LEU B 292 -11.26 12.66 3.02
CA LEU B 292 -12.19 11.56 2.80
C LEU B 292 -12.10 10.86 1.45
N TYR B 293 -12.25 9.55 1.49
CA TYR B 293 -12.19 8.71 0.29
C TYR B 293 -13.06 9.29 -0.81
N GLU B 294 -14.32 9.52 -0.49
CA GLU B 294 -15.27 10.05 -1.46
C GLU B 294 -14.82 11.32 -2.19
N ASP B 295 -14.05 12.17 -1.54
CA ASP B 295 -13.61 13.38 -2.22
C ASP B 295 -12.39 13.05 -3.06
N TYR B 296 -11.37 12.51 -2.41
CA TYR B 296 -10.12 12.15 -3.06
C TYR B 296 -10.31 11.44 -4.41
N TYR B 297 -11.34 10.62 -4.55
CA TYR B 297 -11.58 9.93 -5.82
C TYR B 297 -12.79 10.55 -6.51
N GLY B 298 -12.95 11.86 -6.29
CA GLY B 298 -14.04 12.61 -6.87
C GLY B 298 -15.33 11.89 -7.21
N LEU B 299 -16.13 11.56 -6.19
CA LEU B 299 -17.39 10.87 -6.40
C LEU B 299 -18.52 11.73 -5.87
N GLU B 300 -18.14 12.86 -5.30
CA GLU B 300 -19.07 13.81 -4.71
C GLU B 300 -19.95 14.56 -5.70
N HIS B 301 -19.50 14.66 -6.95
CA HIS B 301 -20.22 15.37 -8.00
C HIS B 301 -19.98 16.87 -7.93
N HIS B 302 -18.81 17.25 -7.42
CA HIS B 302 -18.44 18.65 -7.30
C HIS B 302 -17.50 19.02 -8.44
N HIS B 303 -17.48 20.29 -8.84
CA HIS B 303 -16.62 20.71 -9.93
C HIS B 303 -15.15 20.60 -9.55
N HIS B 304 -14.90 20.14 -8.32
CA HIS B 304 -13.55 19.95 -7.81
C HIS B 304 -12.57 21.03 -8.24
#